data_2W07
#
_entry.id   2W07
#
_cell.length_a   65.420
_cell.length_b   65.420
_cell.length_c   166.110
_cell.angle_alpha   90.00
_cell.angle_beta   90.00
_cell.angle_gamma   90.00
#
_symmetry.space_group_name_H-M   'P 41 21 2'
#
loop_
_entity.id
_entity.type
_entity.pdbx_description
1 polymer 'CHAPERONE PROTEIN PAPD'
2 polymer 'MINOR PILIN SUBUNIT PAPF'
3 non-polymer 'SULFATE ION'
4 water water
#
loop_
_entity_poly.entity_id
_entity_poly.type
_entity_poly.pdbx_seq_one_letter_code
_entity_poly.pdbx_strand_id
1 'polypeptide(L)'
;AVSLDRTRAVFDGSEKSMTLDISNDNKQLPYLAQAWIENENQEKIITGPVIATPPVQRLEPGAKSMVRLSTTPDISKLPQ
DRESLFYFNLREIPPRSEKANVLQIALQTKIKLFYRPAAIKTRPNEVWQDQLILNKVSGGYRIENPTPYYVTVIGLGGSE
KQAEEGEFETVMLSPRSEQTVKSANYNTPYLSYINDYGGRPVLSFICNGSRCSVKKEK
;
A
2 'polypeptide(L)'
;DVQINIRNNVYIPPCTINNGQNIVVDFGNINPEHVDNSRGEVTKTISISCPYKSGSLWIKVTGNTMGGGQNNVLATNITH
FGIALYQGKGMSTPLTLGNGSGNGYRVTAGLDTARSTFTFTSVPFRNGSGILNGGDFRTTASMSMIYN
;
B
#
loop_
_chem_comp.id
_chem_comp.type
_chem_comp.name
_chem_comp.formula
SO4 non-polymer 'SULFATE ION' 'O4 S -2'
#
# COMPACT_ATOMS: atom_id res chain seq x y z
N ALA A 1 -11.05 -0.88 -11.37
CA ALA A 1 -9.67 -0.66 -10.87
C ALA A 1 -8.72 -1.75 -11.34
N VAL A 2 -7.47 -1.34 -11.58
CA VAL A 2 -6.43 -2.23 -12.04
C VAL A 2 -5.79 -2.87 -10.82
N SER A 3 -5.68 -4.19 -10.84
CA SER A 3 -5.10 -4.87 -9.70
C SER A 3 -3.89 -5.74 -10.03
N LEU A 4 -3.04 -5.95 -9.03
CA LEU A 4 -1.86 -6.78 -9.17
C LEU A 4 -2.21 -8.20 -8.75
N ASP A 5 -1.35 -9.15 -9.09
CA ASP A 5 -1.57 -10.54 -8.74
C ASP A 5 -1.01 -10.95 -7.37
N ARG A 6 -0.27 -10.05 -6.70
CA ARG A 6 0.33 -10.37 -5.40
C ARG A 6 0.56 -9.16 -4.47
N THR A 7 0.81 -9.44 -3.20
CA THR A 7 1.02 -8.37 -2.20
C THR A 7 2.50 -8.07 -1.92
N ARG A 8 3.39 -8.85 -2.52
CA ARG A 8 4.83 -8.70 -2.36
C ARG A 8 5.45 -9.42 -3.55
N ALA A 9 6.60 -8.94 -4.00
CA ALA A 9 7.28 -9.56 -5.11
C ALA A 9 8.70 -9.91 -4.67
N VAL A 10 9.16 -11.09 -5.04
CA VAL A 10 10.50 -11.53 -4.70
C VAL A 10 11.30 -11.67 -6.00
N PHE A 11 12.28 -10.80 -6.20
CA PHE A 11 13.10 -10.86 -7.42
C PHE A 11 14.28 -11.78 -7.17
N ASP A 12 14.26 -12.94 -7.81
CA ASP A 12 15.31 -13.94 -7.70
C ASP A 12 16.53 -13.39 -8.42
N GLY A 13 17.55 -13.04 -7.62
CA GLY A 13 18.78 -12.48 -8.16
C GLY A 13 19.50 -13.35 -9.17
N SER A 14 19.18 -14.63 -9.23
CA SER A 14 19.84 -15.51 -10.20
C SER A 14 19.33 -15.23 -11.61
N GLU A 15 18.22 -14.52 -11.72
CA GLU A 15 17.65 -14.17 -13.03
C GLU A 15 17.74 -12.67 -13.30
N LYS A 16 17.57 -12.26 -14.55
CA LYS A 16 17.66 -10.85 -14.90
C LYS A 16 16.31 -10.15 -15.04
N SER A 17 15.24 -10.93 -14.99
CA SER A 17 13.90 -10.36 -15.11
C SER A 17 12.82 -11.29 -14.57
N MET A 18 11.62 -10.74 -14.46
CA MET A 18 10.44 -11.46 -13.99
C MET A 18 9.24 -10.59 -14.35
N THR A 19 8.05 -11.18 -14.34
CA THR A 19 6.83 -10.46 -14.68
C THR A 19 5.78 -10.60 -13.59
N LEU A 20 4.92 -9.59 -13.50
CA LEU A 20 3.82 -9.55 -12.54
C LEU A 20 2.54 -9.38 -13.36
N ASP A 21 1.53 -10.19 -13.09
CA ASP A 21 0.28 -10.05 -13.84
C ASP A 21 -0.61 -8.96 -13.27
N ILE A 22 -1.21 -8.18 -14.15
CA ILE A 22 -2.13 -7.14 -13.75
C ILE A 22 -3.41 -7.36 -14.55
N SER A 23 -4.51 -6.76 -14.12
CA SER A 23 -5.77 -6.91 -14.84
C SER A 23 -6.71 -5.78 -14.51
N ASN A 24 -7.48 -5.37 -15.51
CA ASN A 24 -8.45 -4.29 -15.31
C ASN A 24 -9.75 -4.93 -14.89
N ASP A 25 -10.06 -4.84 -13.59
CA ASP A 25 -11.29 -5.43 -13.08
C ASP A 25 -12.54 -4.62 -13.35
N ASN A 26 -12.39 -3.43 -13.92
CA ASN A 26 -13.57 -2.62 -14.24
C ASN A 26 -14.22 -3.28 -15.46
N LYS A 27 -15.54 -3.40 -15.45
CA LYS A 27 -16.25 -4.03 -16.57
C LYS A 27 -16.79 -3.01 -17.57
N GLN A 28 -16.54 -1.74 -17.33
CA GLN A 28 -17.06 -0.70 -18.20
C GLN A 28 -16.04 0.14 -18.92
N LEU A 29 -15.06 0.61 -18.16
CA LEU A 29 -14.08 1.51 -18.73
C LEU A 29 -12.65 1.01 -18.82
N PRO A 30 -11.93 1.44 -19.86
CA PRO A 30 -10.53 1.06 -20.08
C PRO A 30 -9.70 1.98 -19.18
N TYR A 31 -8.61 1.46 -18.63
CA TYR A 31 -7.76 2.24 -17.74
C TYR A 31 -6.32 2.25 -18.19
N LEU A 32 -5.60 3.27 -17.77
CA LEU A 32 -4.17 3.38 -18.07
C LEU A 32 -3.51 2.91 -16.78
N ALA A 33 -2.44 2.12 -16.89
CA ALA A 33 -1.76 1.62 -15.70
C ALA A 33 -0.29 2.04 -15.66
N GLN A 34 0.02 2.93 -14.72
CA GLN A 34 1.38 3.44 -14.53
C GLN A 34 2.13 2.53 -13.57
N ALA A 35 3.36 2.19 -13.91
CA ALA A 35 4.15 1.31 -13.06
C ALA A 35 5.54 1.91 -12.83
N TRP A 36 6.02 1.85 -11.59
CA TRP A 36 7.34 2.38 -11.33
C TRP A 36 7.96 1.75 -10.09
N ILE A 37 9.27 1.95 -9.93
CA ILE A 37 9.98 1.41 -8.80
C ILE A 37 10.39 2.54 -7.84
N GLU A 38 10.48 2.21 -6.56
CA GLU A 38 10.89 3.13 -5.52
C GLU A 38 11.93 2.39 -4.68
N ASN A 39 12.89 3.12 -4.11
CA ASN A 39 13.92 2.51 -3.27
C ASN A 39 13.37 2.24 -1.88
N GLU A 40 14.22 1.78 -0.96
CA GLU A 40 13.78 1.47 0.40
C GLU A 40 13.18 2.63 1.18
N ASN A 41 13.34 3.85 0.69
CA ASN A 41 12.78 5.00 1.39
C ASN A 41 11.52 5.49 0.69
N GLN A 42 11.05 4.69 -0.27
CA GLN A 42 9.85 5.01 -1.02
C GLN A 42 10.03 6.22 -1.94
N GLU A 43 11.25 6.39 -2.41
CA GLU A 43 11.59 7.47 -3.33
C GLU A 43 11.69 6.83 -4.71
N LYS A 44 11.05 7.45 -5.69
CA LYS A 44 11.06 6.92 -7.04
C LYS A 44 12.44 6.93 -7.69
N ILE A 45 12.81 5.80 -8.29
CA ILE A 45 14.07 5.66 -9.01
C ILE A 45 13.68 5.23 -10.40
N ILE A 46 14.26 5.86 -11.42
CA ILE A 46 13.92 5.56 -12.80
C ILE A 46 15.12 5.02 -13.57
N THR A 47 16.26 4.98 -12.89
CA THR A 47 17.52 4.58 -13.50
C THR A 47 18.07 3.20 -13.11
N GLY A 48 17.39 2.51 -12.20
CA GLY A 48 17.85 1.20 -11.78
C GLY A 48 18.14 1.23 -10.30
N PRO A 49 18.68 0.14 -9.73
CA PRO A 49 19.06 -1.12 -10.36
C PRO A 49 17.93 -2.06 -10.77
N VAL A 50 16.70 -1.68 -10.47
CA VAL A 50 15.53 -2.49 -10.85
C VAL A 50 14.59 -1.59 -11.65
N ILE A 51 14.19 -2.07 -12.82
CA ILE A 51 13.34 -1.31 -13.72
C ILE A 51 12.01 -2.01 -14.01
N ALA A 52 10.98 -1.20 -14.26
CA ALA A 52 9.66 -1.71 -14.58
C ALA A 52 9.26 -1.20 -15.96
N THR A 53 8.75 -2.10 -16.79
CA THR A 53 8.33 -1.76 -18.13
C THR A 53 7.10 -2.60 -18.45
N PRO A 54 6.11 -2.02 -19.13
CA PRO A 54 6.11 -0.64 -19.63
C PRO A 54 5.77 0.35 -18.52
N PRO A 55 6.19 1.62 -18.69
CA PRO A 55 5.93 2.66 -17.68
C PRO A 55 4.44 2.97 -17.63
N VAL A 56 3.77 2.73 -18.76
CA VAL A 56 2.36 2.98 -18.87
C VAL A 56 1.82 2.08 -19.97
N GLN A 57 0.59 1.62 -19.79
CA GLN A 57 -0.06 0.78 -20.78
C GLN A 57 -1.56 0.89 -20.60
N ARG A 58 -2.29 0.67 -21.69
CA ARG A 58 -3.74 0.75 -21.68
C ARG A 58 -4.37 -0.63 -21.45
N LEU A 59 -5.38 -0.68 -20.58
CA LEU A 59 -6.06 -1.93 -20.30
C LEU A 59 -7.58 -1.85 -20.56
N GLU A 60 -8.07 -2.66 -21.49
CA GLU A 60 -9.50 -2.69 -21.80
C GLU A 60 -10.22 -3.33 -20.62
N PRO A 61 -11.53 -3.02 -20.45
CA PRO A 61 -12.30 -3.59 -19.35
C PRO A 61 -12.17 -5.12 -19.31
N GLY A 62 -11.82 -5.64 -18.14
CA GLY A 62 -11.68 -7.08 -17.99
C GLY A 62 -10.41 -7.66 -18.62
N ALA A 63 -9.61 -6.82 -19.26
CA ALA A 63 -8.38 -7.31 -19.88
C ALA A 63 -7.26 -7.49 -18.87
N LYS A 64 -6.31 -8.36 -19.20
CA LYS A 64 -5.15 -8.56 -18.34
C LYS A 64 -3.86 -8.51 -19.13
N SER A 65 -2.82 -8.04 -18.46
CA SER A 65 -1.51 -7.90 -19.08
C SER A 65 -0.49 -8.14 -17.97
N MET A 66 0.71 -7.64 -18.15
CA MET A 66 1.73 -7.80 -17.13
C MET A 66 2.73 -6.67 -17.15
N VAL A 67 3.59 -6.65 -16.15
CA VAL A 67 4.64 -5.65 -16.05
C VAL A 67 5.91 -6.46 -15.90
N ARG A 68 6.95 -6.02 -16.59
CA ARG A 68 8.23 -6.71 -16.54
C ARG A 68 9.15 -5.95 -15.63
N LEU A 69 9.69 -6.67 -14.65
CA LEU A 69 10.65 -6.11 -13.70
C LEU A 69 11.98 -6.68 -14.16
N SER A 70 12.97 -5.81 -14.35
CA SER A 70 14.28 -6.27 -14.78
C SER A 70 15.37 -5.47 -14.09
N THR A 71 16.59 -5.99 -14.11
CA THR A 71 17.72 -5.34 -13.45
C THR A 71 18.70 -4.70 -14.44
N THR A 72 19.59 -3.87 -13.91
CA THR A 72 20.62 -3.22 -14.71
C THR A 72 21.94 -3.79 -14.20
N PRO A 73 23.05 -3.52 -14.90
CA PRO A 73 24.36 -4.03 -14.49
C PRO A 73 24.75 -3.56 -13.07
N ASP A 74 24.25 -2.39 -12.67
CA ASP A 74 24.56 -1.89 -11.34
C ASP A 74 23.90 -2.71 -10.24
N ILE A 75 23.08 -3.71 -10.61
CA ILE A 75 22.44 -4.54 -9.59
C ILE A 75 23.51 -5.31 -8.82
N SER A 76 24.64 -5.54 -9.48
CA SER A 76 25.77 -6.26 -8.87
C SER A 76 26.34 -5.51 -7.67
N LYS A 77 26.07 -4.21 -7.60
CA LYS A 77 26.57 -3.38 -6.50
C LYS A 77 25.85 -3.59 -5.16
N LEU A 78 24.66 -4.18 -5.19
CA LEU A 78 23.91 -4.43 -3.96
C LEU A 78 24.60 -5.53 -3.18
N PRO A 79 24.45 -5.54 -1.84
CA PRO A 79 25.12 -6.61 -1.11
C PRO A 79 24.49 -7.94 -1.56
N GLN A 80 25.30 -9.00 -1.58
CA GLN A 80 24.82 -10.31 -2.03
C GLN A 80 24.56 -11.28 -0.91
N ASP A 81 24.80 -10.86 0.33
CA ASP A 81 24.58 -11.76 1.46
C ASP A 81 23.30 -11.42 2.21
N ARG A 82 22.47 -10.55 1.64
CA ARG A 82 21.20 -10.19 2.26
C ARG A 82 20.25 -9.59 1.22
N GLU A 83 18.96 -9.55 1.55
CA GLU A 83 17.99 -8.96 0.65
C GLU A 83 18.08 -7.43 0.66
N SER A 84 17.67 -6.80 -0.43
CA SER A 84 17.64 -5.35 -0.47
C SER A 84 16.15 -5.04 -0.68
N LEU A 85 15.71 -3.87 -0.21
CA LEU A 85 14.31 -3.51 -0.30
C LEU A 85 13.96 -2.44 -1.33
N PHE A 86 12.94 -2.72 -2.14
CA PHE A 86 12.43 -1.76 -3.12
C PHE A 86 10.91 -1.86 -2.99
N TYR A 87 10.19 -0.99 -3.68
CA TYR A 87 8.73 -1.05 -3.69
C TYR A 87 8.28 -0.95 -5.13
N PHE A 88 7.32 -1.80 -5.49
CA PHE A 88 6.78 -1.76 -6.84
C PHE A 88 5.47 -0.97 -6.73
N ASN A 89 5.21 -0.12 -7.72
CA ASN A 89 4.01 0.70 -7.70
C ASN A 89 3.21 0.63 -8.99
N LEU A 90 1.88 0.54 -8.84
CA LEU A 90 0.99 0.51 -9.99
C LEU A 90 -0.15 1.48 -9.72
N ARG A 91 -0.21 2.56 -10.49
CA ARG A 91 -1.28 3.53 -10.32
C ARG A 91 -2.14 3.58 -11.57
N GLU A 92 -3.45 3.57 -11.38
CA GLU A 92 -4.38 3.60 -12.49
C GLU A 92 -4.78 5.02 -12.85
N ILE A 93 -4.89 5.28 -14.14
CA ILE A 93 -5.31 6.58 -14.62
C ILE A 93 -6.72 6.35 -15.17
N PRO A 94 -7.74 6.71 -14.39
CA PRO A 94 -9.13 6.54 -14.81
C PRO A 94 -9.54 7.44 -15.96
N PRO A 95 -10.61 7.08 -16.66
CA PRO A 95 -11.10 7.88 -17.78
C PRO A 95 -11.77 9.16 -17.27
N ARG A 96 -11.62 10.24 -18.02
CA ARG A 96 -12.19 11.53 -17.64
C ARG A 96 -13.70 11.47 -17.47
N SER A 97 -14.18 11.73 -16.26
CA SER A 97 -15.60 11.73 -15.97
C SER A 97 -16.31 12.76 -16.84
N GLU A 98 -17.46 12.41 -17.39
CA GLU A 98 -18.20 13.36 -18.22
C GLU A 98 -18.77 14.46 -17.34
N LYS A 99 -19.20 14.08 -16.14
CA LYS A 99 -19.77 15.03 -15.19
C LYS A 99 -18.68 15.92 -14.59
N ALA A 100 -18.89 17.23 -14.67
CA ALA A 100 -17.93 18.20 -14.13
C ALA A 100 -18.22 18.40 -12.64
N ASN A 101 -17.37 19.19 -11.98
CA ASN A 101 -17.53 19.45 -10.54
C ASN A 101 -17.41 18.11 -9.80
N VAL A 102 -16.29 17.44 -10.02
CA VAL A 102 -16.05 16.15 -9.40
C VAL A 102 -14.63 15.97 -8.92
N LEU A 103 -14.47 15.06 -7.98
CA LEU A 103 -13.16 14.71 -7.45
C LEU A 103 -12.95 13.28 -7.92
N GLN A 104 -11.96 13.07 -8.76
CA GLN A 104 -11.69 11.72 -9.24
C GLN A 104 -10.56 11.10 -8.45
N ILE A 105 -10.80 9.87 -7.98
CA ILE A 105 -9.79 9.16 -7.22
C ILE A 105 -9.02 8.20 -8.13
N ALA A 106 -7.70 8.31 -8.10
CA ALA A 106 -6.85 7.44 -8.90
C ALA A 106 -6.27 6.43 -7.91
N LEU A 107 -6.68 5.18 -8.05
CA LEU A 107 -6.18 4.14 -7.16
C LEU A 107 -4.76 3.70 -7.49
N GLN A 108 -4.00 3.39 -6.45
CA GLN A 108 -2.62 2.95 -6.59
C GLN A 108 -2.33 1.81 -5.62
N THR A 109 -1.52 0.86 -6.06
CA THR A 109 -1.12 -0.24 -5.21
C THR A 109 0.39 -0.17 -5.02
N LYS A 110 0.84 -0.31 -3.79
CA LYS A 110 2.27 -0.29 -3.53
C LYS A 110 2.62 -1.52 -2.71
N ILE A 111 3.48 -2.38 -3.26
CA ILE A 111 3.87 -3.60 -2.57
C ILE A 111 5.40 -3.65 -2.42
N LYS A 112 5.86 -4.38 -1.42
CA LYS A 112 7.29 -4.54 -1.23
C LYS A 112 7.88 -5.41 -2.34
N LEU A 113 9.08 -5.05 -2.77
CA LEU A 113 9.80 -5.79 -3.81
C LEU A 113 11.14 -6.20 -3.18
N PHE A 114 11.25 -7.48 -2.84
CA PHE A 114 12.46 -7.99 -2.22
C PHE A 114 13.51 -8.50 -3.22
N TYR A 115 14.62 -7.80 -3.34
CA TYR A 115 15.68 -8.29 -4.21
C TYR A 115 16.40 -9.34 -3.38
N ARG A 116 16.45 -10.57 -3.90
CA ARG A 116 17.08 -11.67 -3.19
C ARG A 116 18.27 -12.24 -3.97
N PRO A 117 19.49 -11.78 -3.65
CA PRO A 117 20.73 -12.22 -4.31
C PRO A 117 20.78 -13.73 -4.52
N ALA A 118 21.48 -14.14 -5.57
CA ALA A 118 21.59 -15.56 -5.88
C ALA A 118 22.29 -16.31 -4.75
N ALA A 119 23.23 -15.63 -4.09
CA ALA A 119 23.98 -16.22 -2.98
C ALA A 119 23.11 -16.64 -1.81
N ILE A 120 21.88 -16.14 -1.75
CA ILE A 120 20.98 -16.53 -0.67
C ILE A 120 19.67 -17.09 -1.22
N LYS A 121 19.69 -17.50 -2.48
CA LYS A 121 18.51 -18.08 -3.13
C LYS A 121 17.94 -19.18 -2.23
N THR A 122 16.62 -19.17 -2.08
CA THR A 122 15.94 -20.13 -1.23
C THR A 122 15.31 -21.30 -1.99
N ARG A 123 15.17 -22.43 -1.32
CA ARG A 123 14.54 -23.60 -1.92
C ARG A 123 13.04 -23.34 -1.92
N PRO A 124 12.27 -24.13 -2.68
CA PRO A 124 10.82 -23.96 -2.75
C PRO A 124 10.06 -24.17 -1.44
N ASN A 125 10.54 -25.12 -0.63
CA ASN A 125 9.89 -25.44 0.64
C ASN A 125 10.61 -24.87 1.87
N GLU A 126 11.59 -24.01 1.65
CA GLU A 126 12.37 -23.43 2.73
C GLU A 126 11.63 -22.42 3.60
N VAL A 127 11.76 -22.58 4.91
CA VAL A 127 11.13 -21.70 5.90
C VAL A 127 12.24 -21.18 6.82
N TRP A 128 12.63 -19.91 6.66
CA TRP A 128 13.68 -19.34 7.48
C TRP A 128 13.14 -18.58 8.68
N GLN A 129 11.84 -18.31 8.67
CA GLN A 129 11.23 -17.58 9.77
C GLN A 129 11.22 -18.34 11.09
N ASP A 130 11.44 -19.65 11.05
CA ASP A 130 11.46 -20.43 12.27
C ASP A 130 12.80 -20.24 12.98
N GLN A 131 13.60 -19.30 12.48
CA GLN A 131 14.89 -19.00 13.08
C GLN A 131 14.74 -17.76 13.96
N LEU A 132 13.55 -17.19 13.98
CA LEU A 132 13.28 -16.02 14.80
C LEU A 132 13.36 -16.42 16.26
N ILE A 133 13.85 -15.50 17.08
CA ILE A 133 13.98 -15.71 18.51
C ILE A 133 13.25 -14.59 19.24
N LEU A 134 12.51 -14.96 20.29
CA LEU A 134 11.77 -14.00 21.09
C LEU A 134 12.37 -13.88 22.50
N ASN A 135 12.66 -12.64 22.89
CA ASN A 135 13.21 -12.35 24.21
C ASN A 135 12.24 -11.47 24.98
N LYS A 136 11.68 -12.01 26.07
CA LYS A 136 10.73 -11.27 26.87
C LYS A 136 11.37 -10.08 27.58
N VAL A 137 10.68 -8.94 27.52
CA VAL A 137 11.14 -7.71 28.15
C VAL A 137 9.90 -6.98 28.66
N SER A 138 10.11 -5.91 29.42
CA SER A 138 9.00 -5.15 29.97
C SER A 138 8.08 -4.59 28.88
N GLY A 139 6.84 -5.04 28.88
CA GLY A 139 5.87 -4.57 27.89
C GLY A 139 5.77 -5.39 26.63
N GLY A 140 6.62 -6.39 26.45
CA GLY A 140 6.53 -7.19 25.24
C GLY A 140 7.74 -8.05 24.95
N TYR A 141 8.10 -8.15 23.68
CA TYR A 141 9.26 -8.95 23.29
C TYR A 141 10.20 -8.25 22.33
N ARG A 142 11.47 -8.58 22.43
CA ARG A 142 12.48 -8.03 21.53
C ARG A 142 12.64 -9.18 20.52
N ILE A 143 12.24 -8.93 19.28
CA ILE A 143 12.33 -9.94 18.24
C ILE A 143 13.65 -9.88 17.49
N GLU A 144 14.29 -11.03 17.36
CA GLU A 144 15.56 -11.11 16.66
C GLU A 144 15.42 -11.86 15.34
N ASN A 145 15.85 -11.21 14.26
CA ASN A 145 15.84 -11.82 12.95
C ASN A 145 17.28 -11.97 12.52
N PRO A 146 17.88 -13.13 12.78
CA PRO A 146 19.28 -13.35 12.39
C PRO A 146 19.43 -13.77 10.91
N THR A 147 18.32 -13.90 10.19
CA THR A 147 18.39 -14.33 8.79
C THR A 147 18.68 -13.20 7.79
N PRO A 148 19.13 -13.56 6.57
CA PRO A 148 19.45 -12.59 5.52
C PRO A 148 18.20 -12.06 4.80
N TYR A 149 17.02 -12.38 5.33
CA TYR A 149 15.77 -11.97 4.70
C TYR A 149 14.91 -11.02 5.52
N TYR A 150 14.15 -10.17 4.84
CA TYR A 150 13.23 -9.29 5.55
C TYR A 150 12.12 -10.21 6.05
N VAL A 151 11.63 -9.95 7.25
CA VAL A 151 10.56 -10.75 7.83
C VAL A 151 9.45 -9.82 8.34
N THR A 152 8.25 -10.01 7.81
CA THR A 152 7.12 -9.18 8.19
C THR A 152 6.26 -9.93 9.22
N VAL A 153 6.19 -9.37 10.43
CA VAL A 153 5.43 -9.96 11.52
C VAL A 153 4.05 -9.32 11.62
N ILE A 154 3.01 -10.12 11.45
CA ILE A 154 1.65 -9.60 11.49
C ILE A 154 0.84 -9.98 12.73
N GLY A 155 1.36 -10.90 13.54
CA GLY A 155 0.66 -11.31 14.73
C GLY A 155 1.52 -11.95 15.80
N LEU A 156 1.06 -11.87 17.05
CA LEU A 156 1.77 -12.45 18.16
C LEU A 156 0.80 -12.64 19.32
N GLY A 157 0.47 -13.88 19.64
CA GLY A 157 -0.46 -14.17 20.72
C GLY A 157 -0.11 -15.38 21.56
N GLY A 158 -0.94 -15.67 22.55
CA GLY A 158 -0.71 -16.83 23.41
C GLY A 158 -1.29 -18.11 22.83
N SER A 159 -1.92 -17.98 21.68
CA SER A 159 -2.52 -19.11 20.99
C SER A 159 -2.46 -18.87 19.49
N GLU A 160 -2.83 -19.88 18.72
CA GLU A 160 -2.82 -19.76 17.27
C GLU A 160 -3.83 -18.72 16.82
N LYS A 161 -4.98 -18.68 17.49
CA LYS A 161 -6.04 -17.74 17.15
C LYS A 161 -5.61 -16.28 17.37
N GLN A 162 -5.02 -16.00 18.54
CA GLN A 162 -4.58 -14.65 18.84
C GLN A 162 -3.55 -14.19 17.82
N ALA A 163 -2.57 -15.03 17.56
CA ALA A 163 -1.51 -14.70 16.61
C ALA A 163 -2.07 -14.22 15.28
N GLU A 164 -2.92 -15.03 14.66
CA GLU A 164 -3.50 -14.70 13.37
C GLU A 164 -4.62 -13.66 13.44
N GLU A 165 -5.39 -13.66 14.53
CA GLU A 165 -6.50 -12.73 14.68
C GLU A 165 -6.19 -11.48 15.50
N GLY A 166 -5.67 -11.68 16.72
CA GLY A 166 -5.35 -10.58 17.61
C GLY A 166 -4.83 -9.30 16.98
N GLU A 167 -5.19 -8.16 17.59
CA GLU A 167 -4.75 -6.86 17.09
C GLU A 167 -3.23 -6.79 17.25
N PHE A 168 -2.55 -6.26 16.23
CA PHE A 168 -1.10 -6.19 16.29
C PHE A 168 -0.52 -5.16 15.33
N GLU A 169 0.43 -4.36 15.81
CA GLU A 169 1.06 -3.36 14.96
C GLU A 169 2.09 -4.10 14.10
N THR A 170 1.74 -4.34 12.85
CA THR A 170 2.65 -5.05 11.96
C THR A 170 4.01 -4.35 11.87
N VAL A 171 5.07 -5.14 11.93
CA VAL A 171 6.43 -4.60 11.82
C VAL A 171 7.21 -5.53 10.91
N MET A 172 8.20 -4.97 10.21
CA MET A 172 9.03 -5.78 9.34
C MET A 172 10.48 -5.68 9.78
N LEU A 173 11.05 -6.82 10.14
CA LEU A 173 12.44 -6.86 10.55
C LEU A 173 13.34 -6.99 9.33
N SER A 174 14.32 -6.09 9.22
CA SER A 174 15.28 -6.13 8.12
C SER A 174 16.21 -7.32 8.40
N PRO A 175 16.97 -7.78 7.38
CA PRO A 175 17.90 -8.89 7.57
C PRO A 175 18.81 -8.63 8.78
N ARG A 176 19.20 -9.69 9.48
CA ARG A 176 20.09 -9.59 10.65
C ARG A 176 19.80 -8.34 11.48
N SER A 177 18.62 -8.29 12.08
CA SER A 177 18.26 -7.14 12.89
C SER A 177 17.37 -7.62 14.01
N GLU A 178 16.91 -6.67 14.82
CA GLU A 178 16.05 -6.98 15.93
C GLU A 178 15.26 -5.73 16.28
N GLN A 179 14.11 -5.91 16.92
CA GLN A 179 13.33 -4.78 17.36
C GLN A 179 12.22 -5.23 18.31
N THR A 180 11.93 -4.37 19.28
CA THR A 180 10.95 -4.67 20.30
C THR A 180 9.54 -4.31 19.92
N VAL A 181 8.61 -5.20 20.25
CA VAL A 181 7.20 -4.95 19.97
C VAL A 181 6.43 -5.05 21.28
N LYS A 182 5.35 -4.27 21.39
CA LYS A 182 4.51 -4.28 22.58
C LYS A 182 3.66 -5.56 22.55
N SER A 183 3.44 -6.15 23.71
CA SER A 183 2.64 -7.38 23.78
C SER A 183 2.54 -7.95 25.18
N ALA A 184 1.46 -8.66 25.46
CA ALA A 184 1.25 -9.28 26.77
C ALA A 184 2.20 -10.47 26.86
N ASN A 185 2.34 -11.04 28.05
CA ASN A 185 3.21 -12.19 28.24
C ASN A 185 2.47 -13.48 27.91
N TYR A 186 3.16 -14.43 27.29
CA TYR A 186 2.54 -15.69 26.92
C TYR A 186 3.41 -16.89 27.30
N ASN A 187 2.76 -17.96 27.76
CA ASN A 187 3.48 -19.17 28.15
C ASN A 187 4.11 -19.80 26.92
N THR A 188 3.28 -20.01 25.91
CA THR A 188 3.74 -20.59 24.64
C THR A 188 3.35 -19.60 23.54
N PRO A 189 4.27 -18.67 23.23
CA PRO A 189 4.03 -17.65 22.20
C PRO A 189 3.80 -18.23 20.81
N TYR A 190 2.91 -17.61 20.05
CA TYR A 190 2.65 -18.01 18.68
C TYR A 190 2.88 -16.75 17.85
N LEU A 191 3.58 -16.88 16.74
CA LEU A 191 3.85 -15.73 15.90
C LEU A 191 3.39 -16.00 14.47
N SER A 192 2.77 -15.00 13.87
CA SER A 192 2.28 -15.11 12.50
C SER A 192 3.07 -14.15 11.63
N TYR A 193 3.33 -14.56 10.39
CA TYR A 193 4.09 -13.74 9.45
C TYR A 193 3.56 -13.90 8.03
N ILE A 194 3.94 -12.98 7.15
CA ILE A 194 3.52 -13.07 5.75
C ILE A 194 4.71 -13.63 4.97
N ASN A 195 4.52 -14.78 4.30
CA ASN A 195 5.61 -15.37 3.54
C ASN A 195 5.68 -14.85 2.10
N ASP A 196 6.61 -15.40 1.32
CA ASP A 196 6.83 -14.97 -0.06
C ASP A 196 5.58 -14.96 -0.92
N TYR A 197 4.62 -15.84 -0.63
CA TYR A 197 3.42 -15.93 -1.43
C TYR A 197 2.23 -15.14 -0.91
N GLY A 198 2.33 -14.57 0.29
CA GLY A 198 1.21 -13.83 0.81
C GLY A 198 0.44 -14.69 1.80
N GLY A 199 0.93 -15.91 2.01
CA GLY A 199 0.30 -16.80 2.97
C GLY A 199 0.68 -16.24 4.33
N ARG A 200 -0.07 -16.60 5.37
CA ARG A 200 0.21 -16.09 6.71
C ARG A 200 0.35 -17.26 7.67
N PRO A 201 1.52 -17.90 7.67
CA PRO A 201 1.79 -19.04 8.54
C PRO A 201 1.85 -18.65 10.01
N VAL A 202 1.62 -19.62 10.89
CA VAL A 202 1.68 -19.38 12.31
C VAL A 202 2.80 -20.24 12.86
N LEU A 203 3.60 -19.67 13.75
CA LEU A 203 4.71 -20.38 14.36
C LEU A 203 4.43 -20.59 15.85
N SER A 204 4.99 -21.65 16.41
CA SER A 204 4.81 -21.92 17.82
C SER A 204 6.16 -21.87 18.51
N PHE A 205 6.25 -21.08 19.58
CA PHE A 205 7.50 -20.95 20.32
C PHE A 205 7.44 -21.65 21.68
N ILE A 206 8.59 -22.13 22.13
CA ILE A 206 8.71 -22.78 23.42
C ILE A 206 9.78 -21.94 24.11
N CYS A 207 9.55 -21.58 25.36
CA CYS A 207 10.51 -20.74 26.07
C CYS A 207 11.37 -21.44 27.10
N ASN A 208 12.59 -20.92 27.23
CA ASN A 208 13.57 -21.40 28.18
C ASN A 208 13.99 -20.15 28.94
N GLY A 209 13.14 -19.72 29.86
CA GLY A 209 13.41 -18.52 30.63
C GLY A 209 12.77 -17.34 29.92
N SER A 210 13.57 -16.38 29.52
CA SER A 210 13.07 -15.22 28.81
C SER A 210 13.27 -15.37 27.30
N ARG A 211 14.02 -16.40 26.92
CA ARG A 211 14.32 -16.66 25.51
C ARG A 211 13.44 -17.78 24.95
N CYS A 212 12.67 -17.44 23.91
CA CYS A 212 11.78 -18.40 23.27
C CYS A 212 12.22 -18.70 21.84
N SER A 213 12.16 -19.97 21.46
CA SER A 213 12.56 -20.39 20.13
C SER A 213 11.50 -21.32 19.52
N VAL A 214 11.41 -21.33 18.20
CA VAL A 214 10.42 -22.17 17.51
C VAL A 214 10.58 -23.64 17.91
N LYS A 215 9.47 -24.26 18.29
CA LYS A 215 9.47 -25.66 18.71
C LYS A 215 10.07 -26.58 17.64
N LYS A 216 10.56 -27.67 18.01
N ASN B 9 -4.97 -18.35 -7.34
CA ASN B 9 -3.57 -18.60 -7.80
C ASN B 9 -2.64 -18.82 -6.62
N VAL B 10 -1.39 -19.18 -6.91
CA VAL B 10 -0.42 -19.41 -5.84
C VAL B 10 -0.18 -18.16 -5.00
N TYR B 11 -0.19 -16.99 -5.63
CA TYR B 11 0.02 -15.74 -4.88
C TYR B 11 -1.28 -15.19 -4.34
N ILE B 12 -1.32 -14.90 -3.05
CA ILE B 12 -2.50 -14.32 -2.45
C ILE B 12 -2.55 -12.90 -3.00
N PRO B 13 -3.65 -12.53 -3.68
CA PRO B 13 -3.77 -11.20 -4.26
C PRO B 13 -4.15 -10.09 -3.30
N PRO B 14 -3.99 -8.84 -3.74
CA PRO B 14 -4.33 -7.70 -2.88
C PRO B 14 -5.85 -7.53 -2.86
N CYS B 15 -6.32 -6.71 -1.94
CA CYS B 15 -7.75 -6.48 -1.81
C CYS B 15 -8.35 -5.75 -3.01
N THR B 16 -9.62 -6.02 -3.26
CA THR B 16 -10.36 -5.38 -4.35
C THR B 16 -11.01 -4.14 -3.74
N ILE B 17 -10.94 -3.02 -4.46
CA ILE B 17 -11.50 -1.77 -3.96
C ILE B 17 -12.83 -1.42 -4.60
N ASN B 18 -13.85 -1.34 -3.74
CA ASN B 18 -15.23 -1.08 -4.12
C ASN B 18 -15.60 -1.73 -5.45
N ASN B 19 -15.43 -3.05 -5.46
CA ASN B 19 -15.73 -3.91 -6.61
C ASN B 19 -15.18 -3.45 -7.96
N GLY B 20 -13.91 -3.07 -7.98
CA GLY B 20 -13.28 -2.65 -9.20
C GLY B 20 -13.97 -1.54 -9.97
N GLN B 21 -14.88 -0.83 -9.31
CA GLN B 21 -15.60 0.27 -9.96
C GLN B 21 -14.80 1.55 -9.81
N ASN B 22 -15.14 2.54 -10.63
CA ASN B 22 -14.44 3.81 -10.58
C ASN B 22 -14.94 4.65 -9.41
N ILE B 23 -14.03 5.38 -8.78
CA ILE B 23 -14.39 6.21 -7.64
C ILE B 23 -14.39 7.68 -8.01
N VAL B 24 -15.56 8.30 -7.90
CA VAL B 24 -15.70 9.72 -8.22
C VAL B 24 -16.61 10.40 -7.21
N VAL B 25 -16.13 11.49 -6.62
CA VAL B 25 -16.90 12.25 -5.66
C VAL B 25 -17.54 13.40 -6.45
N ASP B 26 -18.85 13.30 -6.66
CA ASP B 26 -19.58 14.33 -7.42
C ASP B 26 -20.19 15.36 -6.49
N PHE B 27 -19.99 16.63 -6.82
CA PHE B 27 -20.53 17.73 -6.02
C PHE B 27 -21.76 18.32 -6.68
N GLY B 28 -22.24 17.65 -7.72
CA GLY B 28 -23.41 18.12 -8.42
C GLY B 28 -23.19 19.48 -9.06
N ASN B 29 -24.27 20.21 -9.30
CA ASN B 29 -24.16 21.52 -9.92
C ASN B 29 -24.22 22.60 -8.85
N ILE B 30 -23.04 23.10 -8.48
CA ILE B 30 -22.94 24.14 -7.47
C ILE B 30 -22.03 25.27 -7.95
N ASN B 31 -22.32 26.49 -7.49
CA ASN B 31 -21.51 27.64 -7.87
C ASN B 31 -20.29 27.67 -6.97
N PRO B 32 -19.08 27.71 -7.57
CA PRO B 32 -17.84 27.74 -6.79
C PRO B 32 -17.80 28.81 -5.69
N GLU B 33 -18.90 29.57 -5.56
CA GLU B 33 -19.01 30.61 -4.53
C GLU B 33 -19.77 30.06 -3.32
N HIS B 34 -19.01 29.57 -2.34
CA HIS B 34 -19.59 28.99 -1.13
C HIS B 34 -18.87 29.41 0.14
N VAL B 35 -19.32 28.88 1.27
CA VAL B 35 -18.77 29.22 2.58
C VAL B 35 -17.56 28.37 3.00
N ASP B 36 -17.24 27.36 2.19
CA ASP B 36 -16.12 26.46 2.45
C ASP B 36 -15.80 26.27 3.94
N ASN B 37 -16.85 26.11 4.73
CA ASN B 37 -16.72 25.90 6.17
C ASN B 37 -17.91 25.06 6.60
N SER B 38 -18.71 24.70 5.60
CA SER B 38 -19.92 23.90 5.78
C SER B 38 -20.75 24.07 4.52
N ARG B 39 -20.44 23.26 3.51
CA ARG B 39 -21.15 23.33 2.24
C ARG B 39 -21.41 21.93 1.72
N GLY B 40 -21.03 21.71 0.46
CA GLY B 40 -21.22 20.42 -0.16
C GLY B 40 -20.30 19.35 0.40
N GLU B 41 -20.30 19.19 1.72
CA GLU B 41 -19.47 18.18 2.36
C GLU B 41 -19.93 16.81 1.89
N VAL B 42 -19.42 16.39 0.74
CA VAL B 42 -19.78 15.09 0.18
C VAL B 42 -18.94 13.98 0.80
N THR B 43 -19.62 13.05 1.46
CA THR B 43 -18.94 11.93 2.10
C THR B 43 -18.93 10.74 1.16
N LYS B 44 -17.83 9.99 1.16
CA LYS B 44 -17.72 8.82 0.30
C LYS B 44 -17.25 7.62 1.11
N THR B 45 -17.87 6.47 0.82
CA THR B 45 -17.51 5.23 1.50
C THR B 45 -17.14 4.19 0.45
N ILE B 46 -15.89 3.76 0.46
CA ILE B 46 -15.42 2.76 -0.49
C ILE B 46 -15.06 1.47 0.25
N SER B 47 -15.58 0.36 -0.26
CA SER B 47 -15.36 -0.94 0.35
C SER B 47 -14.02 -1.58 0.00
N ILE B 48 -13.48 -2.32 0.97
CA ILE B 48 -12.20 -3.01 0.84
C ILE B 48 -12.41 -4.50 1.13
N SER B 49 -12.41 -5.33 0.09
CA SER B 49 -12.60 -6.77 0.23
C SER B 49 -11.26 -7.50 0.07
N CYS B 50 -10.78 -8.11 1.14
CA CYS B 50 -9.50 -8.81 1.10
C CYS B 50 -9.62 -10.33 1.10
N PRO B 51 -8.54 -11.02 0.66
CA PRO B 51 -8.42 -12.49 0.57
C PRO B 51 -8.21 -13.18 1.91
N TYR B 52 -7.51 -12.51 2.82
CA TYR B 52 -7.22 -13.07 4.14
C TYR B 52 -8.00 -12.36 5.25
N GLY B 55 -5.90 -6.86 8.60
CA GLY B 55 -6.04 -6.33 7.26
C GLY B 55 -4.71 -6.03 6.62
N SER B 56 -3.78 -5.51 7.44
CA SER B 56 -2.43 -5.17 6.99
C SER B 56 -2.37 -4.36 5.70
N LEU B 57 -2.86 -3.12 5.79
CA LEU B 57 -2.89 -2.22 4.63
C LEU B 57 -2.93 -0.77 5.11
N TRP B 58 -2.18 0.10 4.43
CA TRP B 58 -2.13 1.52 4.76
C TRP B 58 -2.64 2.34 3.58
N ILE B 59 -3.31 3.45 3.86
CA ILE B 59 -3.83 4.30 2.81
C ILE B 59 -3.27 5.71 2.89
N LYS B 60 -2.63 6.15 1.82
CA LYS B 60 -2.07 7.48 1.74
C LYS B 60 -2.70 8.20 0.56
N VAL B 61 -3.07 9.45 0.76
CA VAL B 61 -3.70 10.24 -0.29
C VAL B 61 -2.79 11.39 -0.67
N THR B 62 -2.51 11.54 -1.97
CA THR B 62 -1.65 12.61 -2.43
C THR B 62 -2.21 13.30 -3.68
N GLY B 63 -1.65 14.46 -4.01
CA GLY B 63 -2.09 15.20 -5.17
C GLY B 63 -1.62 16.64 -5.12
N ASN B 64 -2.01 17.42 -6.13
CA ASN B 64 -1.63 18.83 -6.19
C ASN B 64 -2.35 19.60 -5.09
N THR B 65 -1.60 20.45 -4.38
CA THR B 65 -2.15 21.25 -3.30
C THR B 65 -2.08 22.73 -3.64
N MET B 66 -2.94 23.54 -3.00
CA MET B 66 -2.92 24.98 -3.23
C MET B 66 -1.89 25.55 -2.28
N GLY B 67 -1.49 26.80 -2.52
CA GLY B 67 -0.53 27.42 -1.64
C GLY B 67 -1.16 27.60 -0.27
N GLY B 68 -0.42 28.17 0.67
CA GLY B 68 -0.97 28.37 1.99
C GLY B 68 -0.51 27.35 3.03
N GLY B 69 -1.09 27.43 4.22
CA GLY B 69 -0.70 26.51 5.28
C GLY B 69 -1.60 25.32 5.49
N GLN B 70 -2.60 25.13 4.63
CA GLN B 70 -3.50 24.00 4.78
C GLN B 70 -2.80 22.71 4.34
N ASN B 71 -3.07 21.61 5.02
CA ASN B 71 -2.41 20.35 4.69
C ASN B 71 -3.38 19.24 4.30
N ASN B 72 -4.58 19.61 3.87
CA ASN B 72 -5.57 18.62 3.49
C ASN B 72 -6.44 19.15 2.37
N VAL B 73 -5.88 20.06 1.58
CA VAL B 73 -6.62 20.66 0.49
C VAL B 73 -5.98 20.46 -0.87
N LEU B 74 -6.77 19.94 -1.80
CA LEU B 74 -6.33 19.68 -3.16
C LEU B 74 -6.67 20.88 -4.02
N ALA B 75 -5.79 21.22 -4.95
CA ALA B 75 -6.05 22.33 -5.85
C ALA B 75 -6.96 21.77 -6.93
N THR B 76 -7.65 22.65 -7.64
CA THR B 76 -8.54 22.22 -8.71
C THR B 76 -8.11 22.94 -9.98
N ASN B 77 -8.95 22.92 -11.00
CA ASN B 77 -8.63 23.61 -12.25
C ASN B 77 -9.18 25.03 -12.19
N ILE B 78 -9.31 25.54 -10.98
CA ILE B 78 -9.80 26.89 -10.74
C ILE B 78 -8.90 27.53 -9.69
N THR B 79 -8.30 28.65 -10.03
CA THR B 79 -7.40 29.33 -9.11
C THR B 79 -8.18 29.73 -7.84
N HIS B 80 -7.53 29.62 -6.69
CA HIS B 80 -8.13 29.96 -5.40
C HIS B 80 -9.31 29.08 -4.99
N PHE B 81 -9.50 27.97 -5.70
CA PHE B 81 -10.58 27.06 -5.38
C PHE B 81 -10.04 25.62 -5.24
N GLY B 82 -10.36 24.98 -4.12
CA GLY B 82 -9.88 23.62 -3.91
C GLY B 82 -10.87 22.73 -3.19
N ILE B 83 -10.47 21.48 -2.98
CA ILE B 83 -11.30 20.51 -2.30
C ILE B 83 -10.57 20.05 -1.05
N ALA B 84 -11.17 20.30 0.12
CA ALA B 84 -10.57 19.90 1.39
C ALA B 84 -11.02 18.49 1.74
N LEU B 85 -10.13 17.70 2.35
CA LEU B 85 -10.47 16.32 2.70
C LEU B 85 -10.43 16.05 4.21
N TYR B 86 -11.36 15.20 4.67
CA TYR B 86 -11.46 14.83 6.07
C TYR B 86 -11.67 13.32 6.20
N GLN B 87 -11.11 12.73 7.24
CA GLN B 87 -11.26 11.31 7.50
C GLN B 87 -12.64 11.02 8.06
N GLY B 88 -13.27 9.94 7.58
CA GLY B 88 -14.58 9.57 8.05
C GLY B 88 -15.65 10.56 7.64
N LYS B 89 -16.88 10.31 8.07
CA LYS B 89 -18.02 11.18 7.76
C LYS B 89 -18.00 12.36 8.72
N GLY B 90 -17.91 13.56 8.15
CA GLY B 90 -17.88 14.75 8.99
C GLY B 90 -16.65 15.60 8.75
N MET B 91 -16.82 16.91 8.90
CA MET B 91 -15.74 17.86 8.70
C MET B 91 -14.89 18.05 9.96
N SER B 92 -14.91 17.06 10.85
CA SER B 92 -14.15 17.15 12.09
C SER B 92 -12.66 16.88 11.90
N THR B 93 -12.25 15.62 11.92
CA THR B 93 -10.85 15.27 11.75
C THR B 93 -10.40 15.39 10.29
N PRO B 94 -9.31 16.14 10.04
CA PRO B 94 -8.79 16.32 8.68
C PRO B 94 -8.06 15.10 8.13
N LEU B 95 -7.87 15.09 6.81
CA LEU B 95 -7.18 14.00 6.14
C LEU B 95 -5.96 14.54 5.41
N THR B 96 -4.82 14.56 6.11
CA THR B 96 -3.56 15.06 5.55
C THR B 96 -3.21 14.41 4.22
N LEU B 97 -2.79 15.23 3.26
CA LEU B 97 -2.43 14.76 1.94
C LEU B 97 -1.01 14.21 1.90
N ARG B 115 -15.41 -7.10 4.08
CA ARG B 115 -14.22 -7.08 4.92
C ARG B 115 -14.14 -5.79 5.73
N SER B 116 -13.78 -4.69 5.06
CA SER B 116 -13.68 -3.39 5.73
C SER B 116 -13.96 -2.25 4.76
N THR B 117 -14.17 -1.06 5.30
CA THR B 117 -14.46 0.11 4.49
C THR B 117 -13.61 1.31 4.87
N PHE B 118 -13.61 2.31 4.00
CA PHE B 118 -12.87 3.55 4.23
C PHE B 118 -13.80 4.69 3.82
N THR B 119 -14.07 5.58 4.76
CA THR B 119 -14.94 6.72 4.52
C THR B 119 -14.15 8.02 4.60
N PHE B 120 -14.36 8.92 3.65
CA PHE B 120 -13.68 10.21 3.66
C PHE B 120 -14.64 11.28 3.19
N THR B 121 -14.51 12.47 3.76
CA THR B 121 -15.37 13.57 3.40
C THR B 121 -14.63 14.67 2.65
N SER B 122 -15.24 15.13 1.56
CA SER B 122 -14.66 16.16 0.73
C SER B 122 -15.58 17.37 0.73
N VAL B 123 -15.02 18.55 0.95
CA VAL B 123 -15.80 19.77 0.97
C VAL B 123 -15.09 20.91 0.23
N PRO B 124 -15.80 21.59 -0.67
CA PRO B 124 -15.23 22.70 -1.43
C PRO B 124 -14.63 23.77 -0.52
N PHE B 125 -13.56 24.39 -1.00
CA PHE B 125 -12.86 25.40 -0.23
C PHE B 125 -12.22 26.49 -1.10
N ARG B 126 -12.57 27.75 -0.85
CA ARG B 126 -11.96 28.84 -1.62
C ARG B 126 -11.14 29.69 -0.67
N ASN B 127 -9.85 29.78 -0.97
CA ASN B 127 -8.90 30.52 -0.14
C ASN B 127 -8.74 31.97 -0.54
N GLY B 128 -9.70 32.51 -1.28
CA GLY B 128 -9.62 33.89 -1.68
C GLY B 128 -10.97 34.51 -2.00
N SER B 129 -11.09 35.81 -1.76
CA SER B 129 -12.32 36.52 -2.06
C SER B 129 -12.17 36.96 -3.52
N GLY B 130 -13.23 37.52 -4.09
CA GLY B 130 -13.13 37.97 -5.46
C GLY B 130 -13.63 36.96 -6.47
N ILE B 131 -13.52 37.32 -7.75
CA ILE B 131 -13.98 36.49 -8.85
C ILE B 131 -13.14 35.24 -9.09
N LEU B 132 -13.82 34.16 -9.46
CA LEU B 132 -13.16 32.90 -9.75
C LEU B 132 -13.34 32.58 -11.23
N ASN B 133 -12.23 32.35 -11.92
CA ASN B 133 -12.26 32.04 -13.34
C ASN B 133 -12.67 30.59 -13.59
N GLY B 134 -13.98 30.35 -13.61
CA GLY B 134 -14.46 29.00 -13.85
C GLY B 134 -15.75 28.67 -13.13
N GLY B 135 -16.69 28.09 -13.86
CA GLY B 135 -17.97 27.72 -13.29
C GLY B 135 -17.98 26.23 -13.02
N ASP B 136 -17.10 25.52 -13.73
CA ASP B 136 -16.96 24.08 -13.60
C ASP B 136 -15.57 23.80 -13.05
N PHE B 137 -15.42 22.71 -12.30
CA PHE B 137 -14.14 22.35 -11.72
C PHE B 137 -13.99 20.84 -11.64
N ARG B 138 -12.75 20.39 -11.65
CA ARG B 138 -12.42 18.98 -11.55
C ARG B 138 -10.99 18.85 -11.04
N THR B 139 -10.76 17.81 -10.25
CA THR B 139 -9.43 17.57 -9.70
C THR B 139 -9.24 16.08 -9.50
N THR B 140 -8.00 15.67 -9.27
CA THR B 140 -7.69 14.26 -9.08
C THR B 140 -6.70 14.04 -7.93
N ALA B 141 -6.97 13.02 -7.15
CA ALA B 141 -6.12 12.66 -6.01
C ALA B 141 -5.76 11.19 -6.15
N SER B 142 -4.58 10.82 -5.66
CA SER B 142 -4.16 9.42 -5.72
C SER B 142 -4.41 8.79 -4.36
N MET B 143 -4.96 7.59 -4.37
CA MET B 143 -5.23 6.87 -3.15
C MET B 143 -4.43 5.58 -3.22
N SER B 144 -3.33 5.53 -2.46
CA SER B 144 -2.45 4.37 -2.45
C SER B 144 -2.72 3.35 -1.37
N MET B 145 -2.87 2.10 -1.79
CA MET B 145 -3.07 0.99 -0.87
C MET B 145 -1.67 0.43 -0.71
N ILE B 146 -1.10 0.63 0.47
CA ILE B 146 0.26 0.18 0.75
C ILE B 146 0.22 -1.08 1.59
N TYR B 147 0.59 -2.19 0.97
CA TYR B 147 0.56 -3.48 1.63
C TYR B 147 1.77 -3.86 2.47
N ASN B 148 1.50 -4.53 3.58
CA ASN B 148 2.54 -5.01 4.46
C ASN B 148 3.02 -6.30 3.83
S SO4 C . 18.50 -2.03 7.19
O1 SO4 C . 18.02 -2.59 5.91
O2 SO4 C . 19.20 -0.76 6.93
O3 SO4 C . 17.34 -1.76 8.07
O4 SO4 C . 19.42 -2.98 7.85
S SO4 D . 24.53 -6.27 7.79
O1 SO4 D . 25.26 -5.24 8.56
O2 SO4 D . 24.52 -7.54 8.54
O3 SO4 D . 23.14 -5.82 7.57
O4 SO4 D . 25.19 -6.48 6.49
#